data_1JWG
#
_entry.id   1JWG
#
_cell.length_a   56.146
_cell.length_b   65.770
_cell.length_c   101.426
_cell.angle_alpha   90.00
_cell.angle_beta   90.00
_cell.angle_gamma   90.00
#
_symmetry.space_group_name_H-M   'P 21 21 21'
#
loop_
_entity.id
_entity.type
_entity.pdbx_description
1 polymer 'ADP-ribosylation factor binding protein GGA1'
2 polymer 'Cation-independent mannose-6-phosphate receptor'
3 non-polymer 'IODIDE ION'
4 water water
#
loop_
_entity_poly.entity_id
_entity_poly.type
_entity_poly.pdbx_seq_one_letter_code
_entity_poly.pdbx_strand_id
1 'polypeptide(L)'
;MEPAMEPETLEARINRATNPLNKELDWASINGFCEQLNEDFEGPPLATRLLAHKIQSPQEWEAIQALTVLETCMKSCGKR
FHDEVGKFRFLNELIKVVSPKYLGSRTSEKVKNKILELLYSWTVGLPEEVKIAEAYQMLKKQGIVKS
;
A,B
2 'polypeptide(L)' SFHDDSDEDLLHI C,D
#
loop_
_chem_comp.id
_chem_comp.type
_chem_comp.name
_chem_comp.formula
IOD non-polymer 'IODIDE ION' 'I -1'
#
# COMPACT_ATOMS: atom_id res chain seq x y z
N PRO A 7 10.25 -24.32 3.18
CA PRO A 7 10.83 -22.95 3.40
C PRO A 7 10.31 -21.99 2.33
N GLU A 8 9.69 -20.90 2.76
CA GLU A 8 9.01 -19.99 1.85
C GLU A 8 9.80 -18.76 1.37
N THR A 9 10.56 -18.96 0.31
CA THR A 9 11.25 -17.89 -0.39
C THR A 9 10.26 -17.31 -1.39
N LEU A 10 10.70 -16.28 -2.13
CA LEU A 10 9.82 -15.66 -3.11
C LEU A 10 9.51 -16.64 -4.24
N GLU A 11 10.48 -17.47 -4.57
CA GLU A 11 10.31 -18.48 -5.58
C GLU A 11 9.18 -19.44 -5.18
N ALA A 12 9.29 -20.03 -3.99
CA ALA A 12 8.27 -20.97 -3.54
C ALA A 12 6.90 -20.30 -3.43
N ARG A 13 6.89 -19.06 -2.96
CA ARG A 13 5.63 -18.38 -2.79
C ARG A 13 4.96 -18.14 -4.14
N ILE A 14 5.73 -17.69 -5.12
CA ILE A 14 5.13 -17.37 -6.39
C ILE A 14 4.68 -18.65 -7.10
N ASN A 15 5.38 -19.74 -6.82
CA ASN A 15 5.06 -21.02 -7.44
C ASN A 15 3.72 -21.48 -6.93
N ARG A 16 3.46 -21.17 -5.68
CA ARG A 16 2.21 -21.54 -5.04
C ARG A 16 1.10 -20.59 -5.48
N ALA A 17 1.41 -19.30 -5.54
CA ALA A 17 0.40 -18.29 -5.89
C ALA A 17 -0.06 -18.32 -7.36
N THR A 18 0.73 -18.95 -8.22
CA THR A 18 0.42 -18.97 -9.66
C THR A 18 0.35 -20.40 -10.19
N ASN A 19 0.27 -21.33 -9.27
CA ASN A 19 0.21 -22.73 -9.67
C ASN A 19 -0.97 -23.02 -10.58
N PRO A 20 -0.67 -23.55 -11.76
CA PRO A 20 -1.68 -23.94 -12.73
C PRO A 20 -2.72 -24.89 -12.17
N LEU A 21 -2.36 -25.62 -11.12
CA LEU A 21 -3.32 -26.58 -10.54
C LEU A 21 -4.29 -25.93 -9.56
N ASN A 22 -4.03 -24.69 -9.16
CA ASN A 22 -4.95 -24.00 -8.22
C ASN A 22 -6.37 -23.99 -8.80
N LYS A 23 -7.36 -24.39 -8.02
CA LYS A 23 -8.75 -24.40 -8.53
C LYS A 23 -9.39 -23.02 -8.38
N GLU A 24 -8.78 -22.17 -7.57
CA GLU A 24 -9.28 -20.82 -7.33
C GLU A 24 -8.12 -19.97 -6.85
N LEU A 25 -8.27 -18.66 -6.93
CA LEU A 25 -7.21 -17.78 -6.48
C LEU A 25 -6.78 -18.16 -5.06
N ASP A 26 -5.48 -18.27 -4.83
CA ASP A 26 -4.95 -18.66 -3.52
C ASP A 26 -4.52 -17.40 -2.79
N TRP A 27 -5.48 -16.73 -2.14
CA TRP A 27 -5.20 -15.43 -1.55
C TRP A 27 -4.13 -15.42 -0.48
N ALA A 28 -4.06 -16.49 0.30
CA ALA A 28 -3.06 -16.59 1.35
C ALA A 28 -1.69 -16.51 0.73
N SER A 29 -1.46 -17.25 -0.36
CA SER A 29 -0.16 -17.23 -1.02
C SER A 29 0.12 -15.91 -1.73
N ILE A 30 -0.88 -15.37 -2.42
CA ILE A 30 -0.75 -14.09 -3.12
C ILE A 30 -0.38 -12.97 -2.13
N ASN A 31 -1.13 -12.88 -1.04
CA ASN A 31 -0.82 -11.85 -0.05
C ASN A 31 0.54 -12.05 0.59
N GLY A 32 0.90 -13.31 0.84
CA GLY A 32 2.17 -13.65 1.45
C GLY A 32 3.34 -13.26 0.57
N PHE A 33 3.16 -13.35 -0.75
CA PHE A 33 4.21 -12.96 -1.66
C PHE A 33 4.42 -11.44 -1.56
N CYS A 34 3.32 -10.69 -1.56
CA CYS A 34 3.39 -9.23 -1.46
C CYS A 34 4.03 -8.82 -0.11
N GLU A 35 3.56 -9.39 0.99
CA GLU A 35 4.16 -9.14 2.29
C GLU A 35 5.67 -9.44 2.31
N GLN A 36 6.05 -10.66 1.91
CA GLN A 36 7.46 -11.09 1.90
C GLN A 36 8.43 -10.29 1.01
N LEU A 37 7.94 -9.73 -0.10
CA LEU A 37 8.84 -9.06 -1.01
C LEU A 37 9.50 -7.76 -0.48
N ASN A 38 8.90 -7.10 0.51
CA ASN A 38 9.53 -5.91 1.07
C ASN A 38 10.43 -6.20 2.27
N GLU A 39 10.40 -7.44 2.73
CA GLU A 39 11.13 -7.85 3.92
C GLU A 39 12.60 -8.11 3.58
N ASP A 40 13.08 -7.43 2.55
CA ASP A 40 14.44 -7.60 2.07
C ASP A 40 14.75 -6.49 1.08
N PHE A 41 16.00 -6.04 1.07
CA PHE A 41 16.43 -5.00 0.17
C PHE A 41 16.36 -5.47 -1.29
N GLU A 42 16.75 -6.71 -1.52
CA GLU A 42 16.78 -7.31 -2.85
C GLU A 42 15.48 -7.99 -3.26
N GLY A 43 14.48 -7.93 -2.37
CA GLY A 43 13.19 -8.55 -2.61
C GLY A 43 12.47 -8.05 -3.86
N PRO A 44 12.21 -6.75 -3.91
CA PRO A 44 11.47 -6.16 -5.04
C PRO A 44 12.00 -6.55 -6.43
N PRO A 45 13.31 -6.47 -6.69
CA PRO A 45 13.81 -6.85 -8.01
C PRO A 45 13.65 -8.35 -8.30
N LEU A 46 13.82 -9.18 -7.29
CA LEU A 46 13.60 -10.61 -7.47
C LEU A 46 12.11 -10.84 -7.78
N ALA A 47 11.24 -10.23 -6.99
CA ALA A 47 9.81 -10.38 -7.16
C ALA A 47 9.44 -10.09 -8.61
N THR A 48 9.96 -8.99 -9.10
CA THR A 48 9.63 -8.51 -10.41
C THR A 48 10.22 -9.40 -11.53
N ARG A 49 11.37 -10.01 -11.27
CA ARG A 49 11.91 -10.91 -12.28
C ARG A 49 11.07 -12.17 -12.32
N LEU A 50 10.65 -12.64 -11.16
CA LEU A 50 9.83 -13.86 -11.12
C LEU A 50 8.48 -13.59 -11.78
N LEU A 51 7.88 -12.45 -11.44
CA LEU A 51 6.58 -12.10 -11.98
C LEU A 51 6.64 -11.97 -13.49
N ALA A 52 7.67 -11.31 -14.00
CA ALA A 52 7.79 -11.14 -15.44
C ALA A 52 7.79 -12.50 -16.13
N HIS A 53 8.50 -13.47 -15.57
CA HIS A 53 8.49 -14.78 -16.23
C HIS A 53 7.10 -15.46 -16.14
N LYS A 54 6.44 -15.42 -14.99
CA LYS A 54 5.13 -16.09 -14.89
C LYS A 54 4.08 -15.45 -15.82
N ILE A 55 4.18 -14.14 -16.02
CA ILE A 55 3.17 -13.40 -16.79
C ILE A 55 3.27 -13.78 -18.28
N GLN A 56 4.46 -14.16 -18.69
CA GLN A 56 4.72 -14.60 -20.04
C GLN A 56 4.38 -16.07 -20.31
N SER A 57 3.84 -16.76 -19.32
CA SER A 57 3.51 -18.18 -19.55
C SER A 57 2.45 -18.39 -20.64
N PRO A 58 2.66 -19.38 -21.49
CA PRO A 58 1.66 -19.79 -22.47
C PRO A 58 0.49 -20.41 -21.77
N GLN A 59 0.63 -20.77 -20.49
CA GLN A 59 -0.52 -21.33 -19.78
C GLN A 59 -1.29 -20.18 -19.14
N GLU A 60 -2.49 -19.94 -19.66
CA GLU A 60 -3.24 -18.77 -19.28
C GLU A 60 -3.46 -18.57 -17.80
N TRP A 61 -3.95 -19.61 -17.12
CA TRP A 61 -4.29 -19.51 -15.70
C TRP A 61 -3.05 -19.18 -14.87
N GLU A 62 -1.89 -19.63 -15.33
CA GLU A 62 -0.64 -19.30 -14.67
C GLU A 62 -0.42 -17.77 -14.84
N ALA A 63 -0.52 -17.30 -16.08
CA ALA A 63 -0.32 -15.88 -16.37
C ALA A 63 -1.32 -15.02 -15.60
N ILE A 64 -2.59 -15.39 -15.68
CA ILE A 64 -3.66 -14.68 -15.01
C ILE A 64 -3.44 -14.60 -13.49
N GLN A 65 -3.06 -15.70 -12.85
CA GLN A 65 -2.75 -15.64 -11.44
C GLN A 65 -1.55 -14.71 -11.15
N ALA A 66 -0.53 -14.77 -11.99
CA ALA A 66 0.63 -13.91 -11.81
C ALA A 66 0.25 -12.45 -11.95
N LEU A 67 -0.64 -12.14 -12.89
CA LEU A 67 -1.11 -10.78 -13.03
C LEU A 67 -1.93 -10.31 -11.80
N THR A 68 -2.64 -11.24 -11.14
CA THR A 68 -3.38 -10.94 -9.92
C THR A 68 -2.40 -10.66 -8.79
N VAL A 69 -1.35 -11.47 -8.70
CA VAL A 69 -0.31 -11.15 -7.72
C VAL A 69 0.23 -9.72 -7.96
N LEU A 70 0.66 -9.45 -9.19
CA LEU A 70 1.23 -8.15 -9.54
C LEU A 70 0.24 -7.01 -9.19
N GLU A 71 -1.03 -7.13 -9.61
CA GLU A 71 -2.05 -6.13 -9.29
C GLU A 71 -2.10 -5.92 -7.78
N THR A 72 -2.16 -7.03 -7.04
CA THR A 72 -2.28 -7.00 -5.59
C THR A 72 -1.07 -6.30 -4.94
N CYS A 73 0.13 -6.63 -5.37
CA CYS A 73 1.30 -6.01 -4.76
C CYS A 73 1.37 -4.53 -5.08
N MET A 74 0.95 -4.17 -6.29
CA MET A 74 1.01 -2.80 -6.72
C MET A 74 -0.02 -1.92 -5.97
N LYS A 75 -1.15 -2.50 -5.60
CA LYS A 75 -2.17 -1.76 -4.87
C LYS A 75 -1.72 -1.36 -3.48
N SER A 76 -0.65 -1.96 -3.00
CA SER A 76 -0.15 -1.65 -1.67
C SER A 76 1.04 -0.73 -1.67
N CYS A 77 1.17 0.02 -0.58
CA CYS A 77 2.23 1.01 -0.43
C CYS A 77 3.60 0.36 -0.47
N GLY A 78 4.54 1.04 -1.09
CA GLY A 78 5.91 0.56 -1.16
C GLY A 78 6.65 1.19 -2.32
N LYS A 79 7.50 2.17 -2.02
CA LYS A 79 8.21 2.90 -3.06
C LYS A 79 9.10 1.97 -3.88
N ARG A 80 9.83 1.09 -3.22
CA ARG A 80 10.77 0.25 -3.92
C ARG A 80 10.08 -0.67 -4.96
N PHE A 81 9.03 -1.34 -4.55
CA PHE A 81 8.36 -2.24 -5.49
C PHE A 81 7.73 -1.44 -6.62
N HIS A 82 7.05 -0.36 -6.26
CA HIS A 82 6.44 0.50 -7.24
C HIS A 82 7.48 0.98 -8.24
N ASP A 83 8.66 1.33 -7.76
CA ASP A 83 9.70 1.82 -8.66
C ASP A 83 10.25 0.70 -9.54
N GLU A 84 10.36 -0.52 -9.01
CA GLU A 84 10.89 -1.61 -9.84
C GLU A 84 9.94 -1.88 -11.01
N VAL A 85 8.67 -1.93 -10.70
CA VAL A 85 7.66 -2.24 -11.73
C VAL A 85 7.63 -1.09 -12.71
N GLY A 86 7.94 0.10 -12.19
CA GLY A 86 8.04 1.31 -13.00
C GLY A 86 9.31 1.49 -13.82
N LYS A 87 10.12 0.46 -13.97
CA LYS A 87 11.28 0.55 -14.86
C LYS A 87 10.96 -0.18 -16.14
N PHE A 88 11.59 0.26 -17.23
CA PHE A 88 11.39 -0.39 -18.52
C PHE A 88 11.83 -1.83 -18.46
N ARG A 89 12.77 -2.11 -17.57
CA ARG A 89 13.27 -3.46 -17.33
C ARG A 89 12.13 -4.44 -17.02
N PHE A 90 11.11 -3.95 -16.34
CA PHE A 90 9.92 -4.76 -16.09
C PHE A 90 8.82 -4.50 -17.10
N LEU A 91 8.52 -3.24 -17.35
CA LEU A 91 7.48 -2.88 -18.31
C LEU A 91 7.70 -3.56 -19.69
N ASN A 92 8.94 -3.62 -20.13
CA ASN A 92 9.23 -4.27 -21.41
C ASN A 92 8.72 -5.72 -21.42
N GLU A 93 8.78 -6.40 -20.28
CA GLU A 93 8.27 -7.77 -20.20
C GLU A 93 6.74 -7.85 -20.38
N LEU A 94 6.01 -6.87 -19.85
CA LEU A 94 4.58 -6.80 -20.06
C LEU A 94 4.25 -6.42 -21.51
N ILE A 95 5.08 -5.56 -22.11
CA ILE A 95 4.81 -5.10 -23.46
C ILE A 95 4.95 -6.23 -24.48
N LYS A 96 5.92 -7.11 -24.25
CA LYS A 96 6.15 -8.29 -25.09
C LYS A 96 4.90 -9.16 -25.16
N VAL A 97 4.17 -9.23 -24.05
CA VAL A 97 2.95 -10.03 -23.98
C VAL A 97 1.83 -9.44 -24.84
N VAL A 98 1.75 -8.12 -24.91
CA VAL A 98 0.67 -7.50 -25.66
C VAL A 98 0.99 -7.08 -27.10
N SER A 99 2.24 -7.19 -27.52
CA SER A 99 2.57 -6.72 -28.86
C SER A 99 2.70 -7.86 -29.86
N PRO A 100 2.00 -7.72 -30.98
CA PRO A 100 2.03 -8.69 -32.09
C PRO A 100 3.45 -8.99 -32.60
N LYS A 101 4.38 -8.06 -32.37
CA LYS A 101 5.76 -8.26 -32.77
C LYS A 101 6.44 -9.28 -31.86
N TYR A 102 5.94 -9.44 -30.65
CA TYR A 102 6.57 -10.36 -29.71
C TYR A 102 5.64 -11.54 -29.41
N LEU A 103 4.90 -11.52 -28.31
CA LEU A 103 4.06 -12.66 -27.94
C LEU A 103 2.59 -12.45 -28.15
N GLY A 104 2.22 -11.25 -28.53
CA GLY A 104 0.83 -10.86 -28.64
C GLY A 104 -0.10 -11.72 -29.49
N SER A 105 0.39 -12.19 -30.63
CA SER A 105 -0.45 -12.99 -31.51
C SER A 105 -0.75 -14.36 -30.91
N ARG A 106 -0.02 -14.78 -29.89
CA ARG A 106 -0.30 -16.08 -29.26
C ARG A 106 -0.91 -15.96 -27.87
N THR A 107 -1.18 -14.73 -27.41
CA THR A 107 -1.67 -14.53 -26.06
C THR A 107 -3.15 -14.26 -26.08
N SER A 108 -3.88 -14.82 -25.13
CA SER A 108 -5.31 -14.57 -25.08
C SER A 108 -5.64 -13.10 -24.84
N GLU A 109 -6.78 -12.69 -25.37
CA GLU A 109 -7.27 -11.36 -25.12
C GLU A 109 -7.49 -11.12 -23.62
N LYS A 110 -7.83 -12.16 -22.89
CA LYS A 110 -8.06 -12.00 -21.45
C LYS A 110 -6.77 -11.46 -20.79
N VAL A 111 -5.66 -12.14 -21.05
CA VAL A 111 -4.38 -11.78 -20.50
C VAL A 111 -3.93 -10.42 -21.00
N LYS A 112 -4.03 -10.21 -22.29
CA LYS A 112 -3.62 -8.93 -22.85
C LYS A 112 -4.40 -7.77 -22.28
N ASN A 113 -5.73 -7.86 -22.28
CA ASN A 113 -6.55 -6.75 -21.77
C ASN A 113 -6.34 -6.49 -20.28
N LYS A 114 -6.01 -7.54 -19.53
CA LYS A 114 -5.75 -7.38 -18.11
C LYS A 114 -4.51 -6.53 -17.92
N ILE A 115 -3.48 -6.82 -18.71
CA ILE A 115 -2.27 -6.02 -18.69
C ILE A 115 -2.53 -4.56 -19.07
N LEU A 116 -3.30 -4.30 -20.13
CA LEU A 116 -3.54 -2.94 -20.58
C LEU A 116 -4.32 -2.11 -19.54
N GLU A 117 -5.29 -2.75 -18.90
CA GLU A 117 -6.08 -2.09 -17.86
C GLU A 117 -5.25 -1.86 -16.60
N LEU A 118 -4.35 -2.80 -16.30
CA LEU A 118 -3.46 -2.60 -15.15
C LEU A 118 -2.57 -1.40 -15.39
N LEU A 119 -1.96 -1.37 -16.56
CA LEU A 119 -1.10 -0.24 -16.93
C LEU A 119 -1.86 1.08 -16.84
N TYR A 120 -3.06 1.13 -17.39
CA TYR A 120 -3.82 2.37 -17.29
C TYR A 120 -4.06 2.77 -15.82
N SER A 121 -4.47 1.81 -14.99
CA SER A 121 -4.77 2.08 -13.59
C SER A 121 -3.56 2.67 -12.84
N TRP A 122 -2.38 2.17 -13.17
CA TRP A 122 -1.16 2.71 -12.61
C TRP A 122 -0.84 4.12 -13.14
N THR A 123 -1.21 4.46 -14.38
CA THR A 123 -0.97 5.84 -14.82
C THR A 123 -1.80 6.82 -13.99
N VAL A 124 -3.00 6.38 -13.59
CA VAL A 124 -3.87 7.21 -12.75
C VAL A 124 -3.48 7.17 -11.26
N GLY A 125 -3.25 5.98 -10.72
CA GLY A 125 -2.96 5.86 -9.30
C GLY A 125 -1.54 6.20 -8.89
N LEU A 126 -0.60 6.08 -9.84
CA LEU A 126 0.82 6.30 -9.51
C LEU A 126 1.52 7.21 -10.50
N PRO A 127 1.05 8.46 -10.57
CA PRO A 127 1.55 9.43 -11.55
C PRO A 127 3.06 9.65 -11.46
N GLU A 128 3.68 9.42 -10.31
CA GLU A 128 5.13 9.60 -10.21
C GLU A 128 5.94 8.60 -11.03
N GLU A 129 5.34 7.44 -11.35
CA GLU A 129 6.02 6.44 -12.15
C GLU A 129 5.82 6.83 -13.60
N VAL A 130 6.58 7.85 -14.00
CA VAL A 130 6.51 8.42 -15.33
C VAL A 130 6.82 7.44 -16.48
N LYS A 131 7.62 6.41 -16.22
CA LYS A 131 7.91 5.48 -17.33
C LYS A 131 6.68 4.58 -17.62
N ILE A 132 5.80 4.43 -16.62
CA ILE A 132 4.61 3.62 -16.81
C ILE A 132 3.73 4.37 -17.79
N ALA A 133 3.63 5.68 -17.60
CA ALA A 133 2.83 6.50 -18.49
C ALA A 133 3.46 6.56 -19.88
N GLU A 134 4.79 6.56 -19.95
CA GLU A 134 5.47 6.61 -21.25
C GLU A 134 5.19 5.33 -22.04
N ALA A 135 5.34 4.19 -21.36
CA ALA A 135 5.01 2.89 -21.93
C ALA A 135 3.56 2.85 -22.43
N TYR A 136 2.62 3.32 -21.61
CA TYR A 136 1.21 3.32 -22.00
C TYR A 136 0.96 4.26 -23.19
N GLN A 137 1.66 5.39 -23.23
CA GLN A 137 1.43 6.29 -24.35
C GLN A 137 1.98 5.69 -25.64
N MET A 138 3.05 4.91 -25.53
CA MET A 138 3.59 4.21 -26.68
C MET A 138 2.57 3.23 -27.18
N LEU A 139 1.98 2.49 -26.25
CA LEU A 139 0.98 1.51 -26.60
C LEU A 139 -0.22 2.10 -27.32
N LYS A 140 -0.62 3.33 -26.96
CA LYS A 140 -1.72 3.99 -27.65
C LYS A 140 -1.28 4.44 -29.04
N LYS A 141 -0.10 5.03 -29.14
CA LYS A 141 0.36 5.50 -30.45
C LYS A 141 0.50 4.34 -31.42
N GLN A 142 0.97 3.21 -30.89
CA GLN A 142 1.21 2.04 -31.72
C GLN A 142 -0.08 1.29 -31.98
N GLY A 143 -1.18 1.80 -31.43
CA GLY A 143 -2.48 1.22 -31.67
C GLY A 143 -2.91 0.03 -30.82
N ILE A 144 -2.13 -0.32 -29.80
CA ILE A 144 -2.50 -1.44 -28.91
C ILE A 144 -3.71 -1.03 -28.08
N VAL A 145 -3.53 0.05 -27.33
CA VAL A 145 -4.63 0.64 -26.60
C VAL A 145 -5.55 1.35 -27.59
N LYS A 146 -6.73 0.77 -27.75
CA LYS A 146 -7.74 1.24 -28.70
C LYS A 146 -8.50 2.42 -28.12
N ASP B 7 18.71 1.15 -16.07
CA ASP B 7 17.44 0.65 -16.71
C ASP B 7 17.64 0.44 -18.19
N GLU B 8 16.85 -0.46 -18.76
CA GLU B 8 16.88 -0.73 -20.18
C GLU B 8 16.15 0.38 -20.92
N ASP B 9 16.31 0.43 -22.24
CA ASP B 9 15.54 1.33 -23.09
C ASP B 9 14.12 0.76 -23.22
N LEU B 10 13.13 1.65 -23.38
CA LEU B 10 11.77 1.20 -23.66
C LEU B 10 11.75 0.30 -24.93
N LEU B 11 11.03 -0.80 -24.84
CA LEU B 11 10.97 -1.78 -25.95
C LEU B 11 10.53 -1.18 -27.28
N HIS B 12 11.13 -1.66 -28.37
CA HIS B 12 10.67 -1.30 -29.70
C HIS B 12 9.61 -2.32 -30.18
N ILE B 13 8.40 -1.87 -30.52
CA ILE B 13 7.37 -2.78 -31.05
C ILE B 13 6.89 -2.45 -32.47
N PRO C 7 15.82 13.60 4.21
CA PRO C 7 14.94 14.12 3.11
C PRO C 7 13.99 13.00 2.69
N GLU C 8 14.55 11.82 2.49
CA GLU C 8 13.73 10.67 2.20
C GLU C 8 13.32 9.92 3.47
N THR C 9 13.84 10.34 4.63
CA THR C 9 13.52 9.65 5.89
C THR C 9 12.06 9.85 6.30
N LEU C 10 11.55 8.88 7.04
CA LEU C 10 10.20 8.98 7.57
C LEU C 10 10.03 10.27 8.37
N GLU C 11 11.02 10.58 9.21
CA GLU C 11 11.03 11.81 10.01
C GLU C 11 10.86 13.04 9.15
N ALA C 12 11.74 13.21 8.16
CA ALA C 12 11.63 14.38 7.30
C ALA C 12 10.28 14.39 6.60
N ARG C 13 9.80 13.21 6.19
CA ARG C 13 8.53 13.17 5.47
C ARG C 13 7.32 13.55 6.32
N ILE C 14 7.22 12.97 7.51
CA ILE C 14 6.09 13.32 8.37
C ILE C 14 6.16 14.78 8.77
N ASN C 15 7.37 15.32 8.88
CA ASN C 15 7.51 16.72 9.28
C ASN C 15 6.90 17.67 8.26
N ARG C 16 7.13 17.36 6.98
CA ARG C 16 6.58 18.14 5.90
C ARG C 16 5.08 17.86 5.81
N ALA C 17 4.69 16.58 5.94
CA ALA C 17 3.29 16.21 5.83
C ALA C 17 2.39 16.79 6.94
N THR C 18 2.98 17.12 8.10
CA THR C 18 2.18 17.68 9.19
C THR C 18 2.61 19.08 9.62
N ASN C 19 3.43 19.72 8.80
CA ASN C 19 3.91 21.04 9.14
C ASN C 19 2.79 22.02 9.46
N PRO C 20 2.86 22.63 10.62
CA PRO C 20 1.84 23.59 11.07
C PRO C 20 1.76 24.80 10.13
N LEU C 21 2.78 25.01 9.33
CA LEU C 21 2.82 26.15 8.42
C LEU C 21 2.15 25.86 7.07
N ASN C 22 1.71 24.61 6.88
CA ASN C 22 1.04 24.23 5.64
C ASN C 22 -0.29 24.98 5.41
N LYS C 23 -0.41 25.63 4.26
CA LYS C 23 -1.63 26.35 3.94
C LYS C 23 -2.72 25.34 3.63
N GLU C 24 -2.34 24.26 2.98
CA GLU C 24 -3.27 23.20 2.62
C GLU C 24 -2.60 21.84 2.80
N LEU C 25 -3.39 20.78 2.76
CA LEU C 25 -2.87 19.42 2.85
C LEU C 25 -1.79 19.20 1.80
N ASP C 26 -0.62 18.72 2.24
CA ASP C 26 0.48 18.40 1.33
C ASP C 26 0.40 16.93 0.94
N TRP C 27 -0.43 16.63 -0.07
CA TRP C 27 -0.65 15.23 -0.47
C TRP C 27 0.58 14.48 -0.96
N ALA C 28 1.46 15.17 -1.66
CA ALA C 28 2.68 14.57 -2.17
C ALA C 28 3.55 14.09 -1.00
N SER C 29 3.57 14.88 0.08
CA SER C 29 4.31 14.52 1.29
C SER C 29 3.57 13.44 2.05
N ILE C 30 2.25 13.57 2.13
CA ILE C 30 1.45 12.56 2.79
C ILE C 30 1.70 11.23 2.13
N ASN C 31 1.61 11.22 0.80
CA ASN C 31 1.78 9.97 0.06
C ASN C 31 3.20 9.42 0.12
N GLY C 32 4.18 10.29 0.10
CA GLY C 32 5.57 9.88 0.16
C GLY C 32 5.85 9.20 1.49
N PHE C 33 5.11 9.60 2.52
CA PHE C 33 5.27 9.02 3.86
C PHE C 33 4.74 7.59 3.84
N CYS C 34 3.52 7.44 3.32
CA CYS C 34 2.89 6.14 3.17
C CYS C 34 3.81 5.24 2.33
N GLU C 35 4.42 5.80 1.28
CA GLU C 35 5.27 5.02 0.38
C GLU C 35 6.59 4.55 0.96
N GLN C 36 7.05 5.24 1.99
CA GLN C 36 8.34 4.99 2.56
C GLN C 36 8.32 4.09 3.77
N LEU C 37 7.19 3.97 4.43
CA LEU C 37 7.15 3.27 5.71
C LEU C 37 7.51 1.79 5.71
N ASN C 38 7.30 1.08 4.59
CA ASN C 38 7.65 -0.34 4.54
C ASN C 38 9.03 -0.61 3.98
N GLU C 39 9.85 0.43 3.90
CA GLU C 39 11.19 0.28 3.34
C GLU C 39 12.11 -0.48 4.28
N ASP C 40 11.72 -0.54 5.56
CA ASP C 40 12.53 -1.14 6.62
C ASP C 40 11.76 -2.14 7.45
N PHE C 41 12.52 -2.97 8.15
CA PHE C 41 11.97 -3.90 9.12
C PHE C 41 11.31 -3.08 10.21
N GLU C 42 12.03 -2.09 10.72
CA GLU C 42 11.52 -1.19 11.77
C GLU C 42 10.74 0.03 11.25
N GLY C 43 10.36 0.03 9.98
CA GLY C 43 9.66 1.16 9.39
C GLY C 43 8.25 1.38 9.91
N PRO C 44 7.38 0.39 9.72
CA PRO C 44 5.99 0.48 10.18
C PRO C 44 5.83 0.87 11.67
N PRO C 45 6.60 0.30 12.59
CA PRO C 45 6.49 0.74 14.00
C PRO C 45 7.11 2.11 14.19
N LEU C 46 8.13 2.49 13.42
CA LEU C 46 8.66 3.85 13.55
C LEU C 46 7.56 4.82 13.11
N ALA C 47 6.91 4.47 12.01
CA ALA C 47 5.83 5.26 11.43
C ALA C 47 4.71 5.52 12.44
N THR C 48 4.31 4.47 13.17
CA THR C 48 3.26 4.64 14.17
C THR C 48 3.74 5.48 15.34
N ARG C 49 5.01 5.37 15.71
CA ARG C 49 5.55 6.17 16.80
C ARG C 49 5.52 7.63 16.42
N LEU C 50 5.96 7.91 15.20
CA LEU C 50 5.98 9.29 14.71
C LEU C 50 4.59 9.90 14.65
N LEU C 51 3.64 9.12 14.15
CA LEU C 51 2.26 9.57 13.99
C LEU C 51 1.58 9.84 15.33
N ALA C 52 1.81 8.95 16.28
CA ALA C 52 1.22 9.10 17.61
C ALA C 52 1.61 10.44 18.23
N HIS C 53 2.87 10.82 18.08
CA HIS C 53 3.34 12.07 18.65
C HIS C 53 2.67 13.27 18.00
N LYS C 54 2.61 13.28 16.67
CA LYS C 54 2.00 14.39 15.91
C LYS C 54 0.51 14.51 16.23
N ILE C 55 -0.16 13.37 16.37
CA ILE C 55 -1.60 13.33 16.67
C ILE C 55 -1.90 13.94 18.05
N GLN C 56 -0.95 13.84 18.97
CA GLN C 56 -1.10 14.40 20.30
C GLN C 56 -0.59 15.82 20.41
N SER C 57 -0.31 16.45 19.28
CA SER C 57 0.16 17.81 19.30
C SER C 57 -0.89 18.81 19.83
N PRO C 58 -0.44 19.70 20.70
CA PRO C 58 -1.28 20.80 21.16
C PRO C 58 -1.66 21.72 19.99
N GLN C 59 -0.89 21.71 18.91
CA GLN C 59 -1.20 22.56 17.75
C GLN C 59 -2.15 21.78 16.87
N GLU C 60 -3.42 22.19 16.90
CA GLU C 60 -4.50 21.48 16.24
C GLU C 60 -4.25 21.11 14.77
N TRP C 61 -3.67 22.02 14.01
CA TRP C 61 -3.55 21.76 12.57
C TRP C 61 -2.52 20.67 12.32
N GLU C 62 -1.52 20.58 13.20
CA GLU C 62 -0.47 19.57 13.07
C GLU C 62 -1.14 18.23 13.33
N ALA C 63 -1.99 18.22 14.34
CA ALA C 63 -2.74 17.04 14.73
C ALA C 63 -3.66 16.57 13.61
N ILE C 64 -4.44 17.50 13.08
CA ILE C 64 -5.39 17.16 12.03
C ILE C 64 -4.70 16.56 10.81
N GLN C 65 -3.58 17.16 10.40
CA GLN C 65 -2.84 16.65 9.25
C GLN C 65 -2.27 15.26 9.52
N ALA C 66 -1.79 15.03 10.75
CA ALA C 66 -1.30 13.72 11.12
C ALA C 66 -2.39 12.66 11.03
N LEU C 67 -3.58 13.02 11.49
CA LEU C 67 -4.68 12.06 11.43
C LEU C 67 -5.00 11.76 9.96
N THR C 68 -4.84 12.75 9.10
CA THR C 68 -5.08 12.54 7.68
C THR C 68 -3.99 11.63 7.16
N VAL C 69 -2.77 11.83 7.62
CA VAL C 69 -1.72 10.93 7.20
C VAL C 69 -2.07 9.51 7.66
N LEU C 70 -2.43 9.38 8.93
CA LEU C 70 -2.80 8.08 9.49
C LEU C 70 -3.91 7.42 8.64
N GLU C 71 -4.95 8.20 8.34
CA GLU C 71 -6.07 7.67 7.56
C GLU C 71 -5.61 7.18 6.19
N THR C 72 -4.79 7.98 5.53
CA THR C 72 -4.26 7.67 4.22
C THR C 72 -3.44 6.39 4.19
N CYS C 73 -2.51 6.25 5.13
CA CYS C 73 -1.65 5.09 5.18
C CYS C 73 -2.40 3.80 5.49
N MET C 74 -3.49 3.90 6.24
CA MET C 74 -4.28 2.72 6.56
C MET C 74 -5.00 2.23 5.30
N LYS C 75 -5.40 3.14 4.45
CA LYS C 75 -6.02 2.74 3.20
C LYS C 75 -5.01 2.31 2.11
N SER C 76 -3.80 2.86 2.12
CA SER C 76 -2.80 2.53 1.10
C SER C 76 -1.88 1.38 1.45
N CYS C 77 -1.67 1.15 2.74
CA CYS C 77 -0.72 0.15 3.18
C CYS C 77 -1.30 -1.23 3.52
N GLY C 78 -0.41 -2.20 3.71
CA GLY C 78 -0.80 -3.57 3.96
C GLY C 78 -0.76 -4.00 5.41
N LYS C 79 -0.63 -5.31 5.60
CA LYS C 79 -0.69 -5.90 6.94
C LYS C 79 0.35 -5.42 7.94
N ARG C 80 1.58 -5.24 7.52
CA ARG C 80 2.61 -4.81 8.45
C ARG C 80 2.14 -3.55 9.19
N PHE C 81 1.63 -2.57 8.43
CA PHE C 81 1.14 -1.30 9.01
C PHE C 81 -0.20 -1.43 9.75
N HIS C 82 -1.12 -2.24 9.22
CA HIS C 82 -2.38 -2.44 9.92
C HIS C 82 -2.08 -3.10 11.27
N ASP C 83 -1.16 -4.06 11.26
CA ASP C 83 -0.75 -4.78 12.47
C ASP C 83 -0.16 -3.85 13.56
N GLU C 84 0.62 -2.86 13.13
CA GLU C 84 1.24 -1.94 14.08
C GLU C 84 0.19 -0.99 14.62
N VAL C 85 -0.71 -0.51 13.78
CA VAL C 85 -1.75 0.38 14.24
C VAL C 85 -2.80 -0.39 15.04
N GLY C 86 -2.87 -1.69 14.80
CA GLY C 86 -3.89 -2.53 15.41
C GLY C 86 -3.47 -3.03 16.77
N LYS C 87 -2.29 -2.58 17.21
CA LYS C 87 -1.76 -2.91 18.52
C LYS C 87 -2.14 -1.84 19.55
N PHE C 88 -2.35 -2.29 20.79
CA PHE C 88 -2.67 -1.37 21.89
C PHE C 88 -1.59 -0.32 22.06
N ARG C 89 -0.34 -0.71 21.80
CA ARG C 89 0.77 0.23 21.89
C ARG C 89 0.50 1.51 21.09
N PHE C 90 -0.24 1.39 20.00
CA PHE C 90 -0.58 2.60 19.22
C PHE C 90 -1.97 3.10 19.56
N LEU C 91 -2.90 2.17 19.62
CA LEU C 91 -4.30 2.47 19.93
C LEU C 91 -4.46 3.27 21.22
N ASN C 92 -3.72 2.89 22.26
CA ASN C 92 -3.74 3.61 23.54
C ASN C 92 -3.45 5.08 23.35
N GLU C 93 -2.45 5.37 22.52
CA GLU C 93 -2.06 6.75 22.24
C GLU C 93 -3.21 7.54 21.61
N LEU C 94 -4.10 6.87 20.89
CA LEU C 94 -5.25 7.57 20.32
C LEU C 94 -6.30 7.77 21.42
N ILE C 95 -6.48 6.72 22.22
CA ILE C 95 -7.40 6.74 23.35
C ILE C 95 -7.10 7.89 24.30
N LYS C 96 -5.81 8.17 24.52
CA LYS C 96 -5.42 9.25 25.40
C LYS C 96 -5.97 10.59 24.91
N VAL C 97 -6.03 10.76 23.59
CA VAL C 97 -6.51 12.01 23.01
C VAL C 97 -8.03 12.16 23.25
N VAL C 98 -8.76 11.06 23.19
CA VAL C 98 -10.21 11.17 23.38
C VAL C 98 -10.70 11.08 24.84
N SER C 99 -9.89 10.55 25.74
CA SER C 99 -10.32 10.37 27.12
C SER C 99 -10.13 11.59 27.99
N PRO C 100 -11.20 11.98 28.68
CA PRO C 100 -11.18 13.11 29.61
C PRO C 100 -10.14 12.94 30.72
N LYS C 101 -9.89 11.69 31.11
CA LYS C 101 -8.91 11.38 32.15
C LYS C 101 -7.48 11.67 31.73
N TYR C 102 -7.27 11.80 30.42
CA TYR C 102 -5.93 12.03 29.90
C TYR C 102 -5.83 13.39 29.18
N LEU C 103 -5.90 13.39 27.84
CA LEU C 103 -5.81 14.63 27.07
C LEU C 103 -7.15 15.15 26.55
N GLY C 104 -8.22 14.36 26.68
CA GLY C 104 -9.51 14.73 26.13
C GLY C 104 -9.97 16.14 26.47
N SER C 105 -9.74 16.52 27.72
CA SER C 105 -10.23 17.79 28.22
C SER C 105 -9.47 19.02 27.72
N ARG C 106 -8.44 18.79 26.91
CA ARG C 106 -7.62 19.86 26.38
C ARG C 106 -7.50 19.78 24.86
N THR C 107 -8.18 18.79 24.28
CA THR C 107 -8.16 18.55 22.84
C THR C 107 -9.46 19.02 22.20
N SER C 108 -9.36 19.65 21.03
CA SER C 108 -10.55 20.14 20.33
C SER C 108 -11.51 19.01 19.91
N GLU C 109 -12.77 19.39 19.70
CA GLU C 109 -13.83 18.46 19.34
C GLU C 109 -13.56 17.85 17.99
N LYS C 110 -13.10 18.70 17.08
CA LYS C 110 -12.74 18.31 15.73
C LYS C 110 -11.77 17.12 15.74
N VAL C 111 -10.67 17.28 16.47
CA VAL C 111 -9.64 16.24 16.54
C VAL C 111 -10.16 14.94 17.14
N LYS C 112 -10.92 15.04 18.23
CA LYS C 112 -11.42 13.83 18.87
C LYS C 112 -12.41 13.02 18.03
N ASN C 113 -13.30 13.70 17.30
CA ASN C 113 -14.32 13.00 16.51
C ASN C 113 -13.66 12.33 15.35
N LYS C 114 -12.63 12.98 14.85
CA LYS C 114 -11.87 12.44 13.75
C LYS C 114 -11.35 11.07 14.18
N ILE C 115 -10.66 11.02 15.32
CA ILE C 115 -10.14 9.75 15.83
C ILE C 115 -11.25 8.70 15.98
N LEU C 116 -12.38 9.11 16.55
CA LEU C 116 -13.48 8.18 16.75
C LEU C 116 -14.00 7.64 15.41
N GLU C 117 -14.16 8.53 14.43
CA GLU C 117 -14.58 8.13 13.09
C GLU C 117 -13.60 7.11 12.54
N LEU C 118 -12.31 7.44 12.62
CA LEU C 118 -11.29 6.55 12.09
C LEU C 118 -11.38 5.18 12.74
N LEU C 119 -11.51 5.19 14.06
CA LEU C 119 -11.55 3.94 14.81
C LEU C 119 -12.70 3.08 14.34
N TYR C 120 -13.87 3.65 14.21
CA TYR C 120 -15.02 2.86 13.79
C TYR C 120 -14.79 2.29 12.39
N SER C 121 -14.37 3.15 11.47
CA SER C 121 -14.15 2.76 10.09
C SER C 121 -13.25 1.54 9.98
N TRP C 122 -12.24 1.47 10.85
CA TRP C 122 -11.32 0.33 10.85
C TRP C 122 -11.97 -0.91 11.41
N THR C 123 -12.97 -0.73 12.28
CA THR C 123 -13.70 -1.87 12.84
C THR C 123 -14.54 -2.52 11.75
N VAL C 124 -15.12 -1.71 10.87
CA VAL C 124 -15.91 -2.21 9.74
C VAL C 124 -15.03 -2.63 8.57
N GLY C 125 -13.92 -1.91 8.36
CA GLY C 125 -13.03 -2.19 7.25
C GLY C 125 -11.95 -3.21 7.53
N LEU C 126 -11.59 -3.34 8.80
CA LEU C 126 -10.53 -4.28 9.17
C LEU C 126 -10.88 -5.18 10.34
N PRO C 127 -12.04 -5.83 10.27
CA PRO C 127 -12.46 -6.75 11.33
C PRO C 127 -11.35 -7.75 11.66
N GLU C 128 -10.33 -7.79 10.81
CA GLU C 128 -9.15 -8.64 11.02
C GLU C 128 -8.50 -8.25 12.33
N GLU C 129 -8.35 -6.93 12.55
CA GLU C 129 -7.74 -6.42 13.76
C GLU C 129 -8.74 -6.43 14.91
N VAL C 130 -8.61 -7.42 15.78
CA VAL C 130 -9.53 -7.59 16.91
C VAL C 130 -9.44 -6.43 17.92
N LYS C 131 -8.23 -6.04 18.27
CA LYS C 131 -8.03 -4.98 19.25
C LYS C 131 -8.71 -3.65 18.89
N ILE C 132 -8.69 -3.29 17.62
CA ILE C 132 -9.38 -2.06 17.21
C ILE C 132 -10.82 -2.13 17.68
N ALA C 133 -11.44 -3.29 17.51
CA ALA C 133 -12.81 -3.48 17.99
C ALA C 133 -12.77 -3.52 19.51
N GLU C 134 -11.79 -4.19 20.09
CA GLU C 134 -11.67 -4.25 21.54
C GLU C 134 -11.60 -2.83 22.10
N ALA C 135 -10.60 -2.06 21.68
CA ALA C 135 -10.47 -0.68 22.12
C ALA C 135 -11.72 0.15 21.83
N TYR C 136 -12.32 -0.02 20.65
CA TYR C 136 -13.53 0.74 20.31
C TYR C 136 -14.68 0.33 21.23
N GLN C 137 -14.71 -0.96 21.55
CA GLN C 137 -15.69 -1.54 22.43
C GLN C 137 -15.63 -0.79 23.75
N MET C 138 -14.47 -0.85 24.40
CA MET C 138 -14.26 -0.20 25.68
C MET C 138 -14.68 1.26 25.65
N LEU C 139 -14.48 1.93 24.52
CA LEU C 139 -14.86 3.34 24.37
C LEU C 139 -16.37 3.47 24.42
N LYS C 140 -17.05 2.49 23.87
CA LYS C 140 -18.50 2.51 23.86
C LYS C 140 -19.03 2.32 25.28
N LYS C 141 -18.44 1.37 26.00
CA LYS C 141 -18.84 1.06 27.38
C LYS C 141 -18.57 2.23 28.33
N GLN C 142 -17.36 2.78 28.26
CA GLN C 142 -16.95 3.90 29.10
C GLN C 142 -17.75 5.16 28.79
N GLY C 143 -18.44 5.16 27.65
CA GLY C 143 -19.32 6.27 27.28
C GLY C 143 -18.77 7.38 26.41
N ILE C 144 -17.61 7.17 25.77
CA ILE C 144 -17.03 8.21 24.94
C ILE C 144 -17.61 8.22 23.53
N VAL C 145 -17.82 7.03 22.98
CA VAL C 145 -18.38 6.90 21.62
C VAL C 145 -19.86 7.33 21.54
N LYS C 146 -20.68 6.86 22.47
CA LYS C 146 -22.11 7.19 22.50
C LYS C 146 -22.83 6.73 21.23
N ASP D 9 -2.54 -4.26 28.82
CA ASP D 9 -1.97 -3.46 27.70
C ASP D 9 -2.93 -2.34 27.41
N LEU D 10 -4.16 -2.70 27.06
CA LEU D 10 -5.17 -1.70 26.74
C LEU D 10 -5.28 -0.70 27.88
N LEU D 11 -5.40 0.57 27.50
CA LEU D 11 -5.43 1.68 28.45
C LEU D 11 -6.60 1.63 29.43
N HIS D 12 -6.32 1.86 30.69
CA HIS D 12 -7.38 1.89 31.70
C HIS D 12 -8.14 3.22 31.68
N ILE D 13 -9.43 3.12 31.41
CA ILE D 13 -10.40 4.22 31.36
C ILE D 13 -10.20 5.36 30.36
I IOD E . -9.98 -16.58 -15.13
I IOD F . 4.76 -23.53 -20.09
I IOD G . 9.59 0.79 0.41
I IOD H . 0.18 8.87 29.85
I IOD I . 3.82 21.81 20.45
I IOD J . 3.06 -2.39 5.14
#